data_4M36
#
_entry.id   4M36
#
_cell.length_a   130.621
_cell.length_b   40.857
_cell.length_c   90.538
_cell.angle_alpha   90.00
_cell.angle_beta   131.09
_cell.angle_gamma   90.00
#
_symmetry.space_group_name_H-M   'C 1 2 1'
#
loop_
_entity.id
_entity.type
_entity.pdbx_description
1 polymer 'Protein arginine N-methyltransferase 7'
2 water water
#
_entity_poly.entity_id   1
_entity_poly.type   'polypeptide(L)'
_entity_poly.pdbx_seq_one_letter_code
;GYRPPDAFVNRIDRNIPVPARLRHTPVSLIEAVNDFHYAMMNDEERNNFYYEVLKKHVTPETGVLEIGAGSGLLSLMAAK
LGAKWVVAVEGSEELAKLARENIRANNMEHQVKVLHMMSTELKSKHLPEPPDVLLSEIFGTMMLGESALDYVVDVRNRLL
KPTTKIIPQFGTQYAVPIECDALHRISSVSGWRDLDLKHMMTLQDTVSIVFAKHYGIRMNSVNFRRLSDPIELFRVDFSS
SNRNDIPRRKHFDVVAKESGTAHAMLFYWKVTDDEFVMSTDPEDTVNNFPRDMQWGQALQLLDASNGPLPTPVVFTEGKN
YNFECNFSGDRVILHMQLCPESG
;
_entity_poly.pdbx_strand_id   A
#
# COMPACT_ATOMS: atom_id res chain seq x y z
N ARG A 3 14.86 -19.22 24.29
CA ARG A 3 13.48 -19.16 23.83
C ARG A 3 12.92 -17.75 23.92
N PRO A 4 12.32 -17.26 22.82
CA PRO A 4 11.84 -15.88 22.81
C PRO A 4 10.70 -15.67 23.81
N PRO A 5 10.59 -14.44 24.36
CA PRO A 5 9.54 -14.09 25.32
C PRO A 5 8.17 -14.19 24.65
N ASP A 6 8.14 -14.00 23.33
CA ASP A 6 6.88 -14.00 22.59
C ASP A 6 6.71 -15.24 21.70
N ALA A 7 7.25 -16.37 22.15
CA ALA A 7 7.12 -17.63 21.40
C ALA A 7 5.67 -17.92 21.07
N PHE A 8 5.41 -18.35 19.82
CA PHE A 8 4.05 -18.67 19.38
C PHE A 8 3.30 -19.56 20.33
N VAL A 9 3.99 -20.57 20.88
CA VAL A 9 3.35 -21.57 21.72
C VAL A 9 2.80 -20.98 23.03
N ASN A 10 3.35 -19.85 23.45
CA ASN A 10 2.98 -19.25 24.74
C ASN A 10 1.49 -18.96 24.91
N ARG A 11 0.90 -18.30 23.93
CA ARG A 11 -0.50 -17.89 24.03
C ARG A 11 -1.49 -18.91 23.45
N ILE A 12 -1.01 -20.08 23.08
CA ILE A 12 -1.90 -21.15 22.64
C ILE A 12 -2.34 -21.96 23.86
N ASP A 13 -3.60 -22.37 23.89
CA ASP A 13 -4.09 -23.24 24.96
C ASP A 13 -3.27 -24.52 25.05
N ARG A 14 -3.00 -24.97 26.27
CA ARG A 14 -2.14 -26.12 26.48
C ARG A 14 -2.75 -27.43 26.01
N ASN A 15 -4.07 -27.46 25.80
CA ASN A 15 -4.73 -28.64 25.26
C ASN A 15 -4.68 -28.68 23.73
N ILE A 16 -4.17 -27.61 23.12
CA ILE A 16 -4.10 -27.50 21.67
C ILE A 16 -2.68 -27.74 21.15
N PRO A 17 -2.51 -28.72 20.24
CA PRO A 17 -1.18 -29.07 19.74
C PRO A 17 -0.59 -27.96 18.86
N VAL A 18 0.71 -27.75 19.00
CA VAL A 18 1.46 -26.82 18.16
C VAL A 18 2.68 -27.58 17.67
N PRO A 19 2.88 -27.65 16.34
CA PRO A 19 4.05 -28.38 15.85
C PRO A 19 5.37 -27.66 16.17
N ALA A 20 6.47 -28.40 16.14
CA ALA A 20 7.79 -27.87 16.47
C ALA A 20 8.19 -26.64 15.65
N ARG A 21 7.88 -26.65 14.36
CA ARG A 21 8.27 -25.57 13.45
C ARG A 21 7.69 -24.20 13.85
N LEU A 22 6.59 -24.23 14.60
CA LEU A 22 5.91 -23.00 15.01
C LEU A 22 6.20 -22.61 16.46
N ARG A 23 6.50 -23.60 17.31
CA ARG A 23 6.50 -23.41 18.77
C ARG A 23 7.28 -22.24 19.30
N HIS A 24 8.54 -22.13 18.89
CA HIS A 24 9.42 -21.13 19.48
C HIS A 24 9.70 -19.95 18.57
N THR A 25 8.82 -19.75 17.60
CA THR A 25 8.93 -18.63 16.69
C THR A 25 8.09 -17.49 17.26
N PRO A 26 8.63 -16.27 17.28
CA PRO A 26 7.88 -15.11 17.79
C PRO A 26 6.54 -14.98 17.09
N VAL A 27 5.48 -14.67 17.83
CA VAL A 27 4.14 -14.59 17.26
C VAL A 27 4.04 -13.52 16.20
N SER A 28 4.73 -12.40 16.40
CA SER A 28 4.70 -11.28 15.45
C SER A 28 5.16 -11.69 14.06
N LEU A 29 6.17 -12.56 13.99
CA LEU A 29 6.66 -13.07 12.71
C LEU A 29 5.61 -13.97 12.03
N ILE A 30 5.03 -14.89 12.78
CA ILE A 30 3.99 -15.78 12.26
C ILE A 30 2.80 -14.97 11.75
N GLU A 31 2.40 -13.96 12.52
CA GLU A 31 1.30 -13.12 12.11
C GLU A 31 1.63 -12.36 10.83
N ALA A 32 2.80 -11.74 10.78
CA ALA A 32 3.20 -10.98 9.59
C ALA A 32 3.25 -11.84 8.34
N VAL A 33 3.86 -13.01 8.46
CA VAL A 33 4.02 -13.89 7.30
C VAL A 33 2.66 -14.43 6.84
N ASN A 34 1.84 -14.85 7.79
CA ASN A 34 0.55 -15.38 7.42
C ASN A 34 -0.41 -14.30 6.93
N ASP A 35 -0.40 -13.15 7.58
CA ASP A 35 -1.32 -12.10 7.14
C ASP A 35 -0.92 -11.47 5.81
N PHE A 36 0.37 -11.32 5.56
CA PHE A 36 0.79 -10.52 4.41
C PHE A 36 1.74 -11.17 3.40
N HIS A 37 2.69 -11.97 3.88
CA HIS A 37 3.78 -12.36 2.98
C HIS A 37 3.41 -13.41 1.93
N TYR A 38 2.57 -14.39 2.29
CA TYR A 38 2.14 -15.39 1.29
C TYR A 38 1.40 -14.67 0.16
N ALA A 39 0.52 -13.75 0.54
CA ALA A 39 -0.28 -13.01 -0.45
C ALA A 39 0.61 -12.22 -1.39
N MET A 40 1.59 -11.52 -0.82
CA MET A 40 2.54 -10.73 -1.60
C MET A 40 3.30 -11.64 -2.57
N MET A 41 3.71 -12.80 -2.07
CA MET A 41 4.50 -13.72 -2.88
C MET A 41 3.67 -14.40 -3.96
N ASN A 42 2.36 -14.36 -3.81
CA ASN A 42 1.44 -14.91 -4.82
C ASN A 42 0.83 -13.86 -5.76
N ASP A 43 1.18 -12.59 -5.52
CA ASP A 43 0.82 -11.53 -6.46
C ASP A 43 1.77 -11.63 -7.64
N GLU A 44 1.41 -12.46 -8.62
CA GLU A 44 2.33 -12.78 -9.71
C GLU A 44 2.65 -11.56 -10.56
N GLU A 45 1.68 -10.65 -10.69
CA GLU A 45 1.88 -9.43 -11.45
C GLU A 45 2.83 -8.46 -10.75
N ARG A 46 2.76 -8.38 -9.42
CA ARG A 46 3.71 -7.58 -8.67
C ARG A 46 5.13 -8.12 -8.89
N ASN A 47 5.26 -9.45 -8.77
CA ASN A 47 6.56 -10.07 -9.00
C ASN A 47 7.11 -9.85 -10.41
N ASN A 48 6.24 -9.94 -11.41
CA ASN A 48 6.65 -9.75 -12.79
C ASN A 48 7.01 -8.30 -13.10
N PHE A 49 6.26 -7.38 -12.50
CA PHE A 49 6.56 -5.95 -12.59
C PHE A 49 7.98 -5.69 -12.12
N TYR A 50 8.31 -6.12 -10.91
CA TYR A 50 9.65 -5.81 -10.38
C TYR A 50 10.77 -6.50 -11.17
N TYR A 51 10.53 -7.73 -11.59
CA TYR A 51 11.52 -8.48 -12.36
C TYR A 51 11.84 -7.76 -13.65
N GLU A 52 10.80 -7.39 -14.39
CA GLU A 52 10.97 -6.73 -15.68
C GLU A 52 11.64 -5.37 -15.57
N VAL A 53 11.23 -4.58 -14.59
CA VAL A 53 11.89 -3.28 -14.40
C VAL A 53 13.36 -3.49 -13.99
N LEU A 54 13.61 -4.44 -13.09
CA LEU A 54 14.99 -4.72 -12.67
C LEU A 54 15.84 -5.21 -13.84
N LYS A 55 15.23 -6.04 -14.69
CA LYS A 55 15.93 -6.65 -15.80
C LYS A 55 16.43 -5.59 -16.77
N LYS A 56 15.79 -4.43 -16.79
CA LYS A 56 16.23 -3.33 -17.66
C LYS A 56 17.48 -2.65 -17.12
N HIS A 57 17.81 -2.89 -15.85
CA HIS A 57 18.85 -2.09 -15.20
C HIS A 57 20.00 -2.88 -14.57
N VAL A 58 19.73 -4.11 -14.14
CA VAL A 58 20.74 -4.89 -13.44
C VAL A 58 21.73 -5.56 -14.40
N THR A 59 23.02 -5.31 -14.17
CA THR A 59 24.11 -5.95 -14.92
C THR A 59 25.09 -6.55 -13.90
N PRO A 60 26.12 -7.30 -14.36
CA PRO A 60 27.06 -7.78 -13.34
C PRO A 60 27.89 -6.67 -12.69
N GLU A 61 27.71 -5.44 -13.14
CA GLU A 61 28.39 -4.29 -12.54
C GLU A 61 27.46 -3.44 -11.68
N THR A 62 26.22 -3.91 -11.51
CA THR A 62 25.19 -3.16 -10.80
C THR A 62 25.17 -3.45 -9.31
N GLY A 63 25.34 -2.42 -8.48
CA GLY A 63 25.13 -2.52 -7.05
C GLY A 63 23.69 -2.16 -6.69
N VAL A 64 23.00 -3.06 -5.99
CA VAL A 64 21.57 -2.88 -5.71
C VAL A 64 21.27 -2.79 -4.21
N LEU A 65 20.61 -1.70 -3.81
CA LEU A 65 20.12 -1.56 -2.43
C LEU A 65 18.60 -1.71 -2.39
N GLU A 66 18.10 -2.62 -1.57
CA GLU A 66 16.65 -2.69 -1.34
C GLU A 66 16.33 -2.20 0.07
N ILE A 67 15.38 -1.29 0.20
CA ILE A 67 14.90 -0.90 1.52
C ILE A 67 13.51 -1.49 1.75
N GLY A 68 13.16 -1.72 3.01
CA GLY A 68 11.89 -2.36 3.36
C GLY A 68 11.82 -3.76 2.76
N ALA A 69 12.95 -4.46 2.78
CA ALA A 69 13.12 -5.70 2.06
C ALA A 69 12.21 -6.86 2.52
N GLY A 70 11.76 -6.82 3.77
CA GLY A 70 10.81 -7.83 4.26
C GLY A 70 11.43 -9.23 4.24
N SER A 71 10.75 -10.16 3.57
CA SER A 71 11.25 -11.55 3.45
C SER A 71 12.22 -11.71 2.28
N GLY A 72 12.50 -10.62 1.58
CA GLY A 72 13.63 -10.57 0.65
C GLY A 72 13.44 -11.00 -0.81
N LEU A 73 12.22 -11.22 -1.27
CA LEU A 73 12.01 -11.71 -2.64
C LEU A 73 12.61 -10.80 -3.73
N LEU A 74 12.47 -9.49 -3.59
CA LEU A 74 12.92 -8.61 -4.68
C LEU A 74 14.44 -8.58 -4.74
N SER A 75 15.09 -8.67 -3.58
CA SER A 75 16.55 -8.79 -3.55
C SER A 75 17.03 -10.08 -4.20
N LEU A 76 16.29 -11.18 -3.98
CA LEU A 76 16.59 -12.44 -4.65
C LEU A 76 16.53 -12.26 -6.18
N MET A 77 15.54 -11.48 -6.64
CA MET A 77 15.40 -11.20 -8.07
C MET A 77 16.61 -10.45 -8.62
N ALA A 78 17.07 -9.43 -7.89
CA ALA A 78 18.23 -8.65 -8.32
C ALA A 78 19.45 -9.55 -8.43
N ALA A 79 19.62 -10.44 -7.45
CA ALA A 79 20.70 -11.41 -7.44
C ALA A 79 20.55 -12.38 -8.62
N LYS A 80 19.34 -12.89 -8.83
CA LYS A 80 19.03 -13.74 -9.97
C LYS A 80 19.47 -13.10 -11.30
N LEU A 81 19.22 -11.80 -11.44
CA LEU A 81 19.58 -11.07 -12.65
C LEU A 81 21.08 -10.76 -12.76
N GLY A 82 21.83 -11.19 -11.74
CA GLY A 82 23.28 -11.15 -11.79
C GLY A 82 23.95 -9.92 -11.22
N ALA A 83 23.27 -9.25 -10.29
CA ALA A 83 23.81 -8.03 -9.67
C ALA A 83 25.21 -8.24 -9.08
N LYS A 84 26.05 -7.21 -9.17
CA LYS A 84 27.39 -7.20 -8.57
C LYS A 84 27.30 -7.47 -7.07
N TRP A 85 26.40 -6.74 -6.41
CA TRP A 85 26.11 -6.95 -5.00
C TRP A 85 24.71 -6.47 -4.69
N VAL A 86 24.11 -7.03 -3.65
CA VAL A 86 22.78 -6.62 -3.19
C VAL A 86 22.83 -6.46 -1.68
N VAL A 87 22.33 -5.32 -1.21
CA VAL A 87 22.14 -5.13 0.23
C VAL A 87 20.65 -4.93 0.48
N ALA A 88 20.08 -5.76 1.35
CA ALA A 88 18.67 -5.69 1.72
C ALA A 88 18.56 -5.15 3.12
N VAL A 89 17.75 -4.10 3.30
CA VAL A 89 17.60 -3.46 4.61
C VAL A 89 16.18 -3.72 5.12
N GLU A 90 16.07 -4.22 6.35
CA GLU A 90 14.78 -4.58 6.92
C GLU A 90 14.74 -4.26 8.42
N GLY A 91 13.78 -3.45 8.84
CA GLY A 91 13.69 -3.00 10.21
C GLY A 91 13.30 -4.09 11.20
N SER A 92 12.54 -5.08 10.75
CA SER A 92 12.14 -6.17 11.65
C SER A 92 13.26 -7.18 11.80
N GLU A 93 13.68 -7.44 13.03
CA GLU A 93 14.77 -8.40 13.26
C GLU A 93 14.42 -9.79 12.75
N GLU A 94 13.17 -10.21 12.99
CA GLU A 94 12.79 -11.56 12.62
C GLU A 94 12.59 -11.68 11.11
N LEU A 95 12.05 -10.63 10.49
CA LEU A 95 11.91 -10.63 9.04
C LEU A 95 13.29 -10.64 8.38
N ALA A 96 14.22 -9.86 8.93
CA ALA A 96 15.60 -9.88 8.45
C ALA A 96 16.20 -11.30 8.50
N LYS A 97 15.99 -12.00 9.60
CA LYS A 97 16.50 -13.38 9.69
C LYS A 97 15.84 -14.28 8.65
N LEU A 98 14.55 -14.06 8.41
CA LEU A 98 13.79 -14.86 7.44
C LEU A 98 14.34 -14.60 6.03
N ALA A 99 14.59 -13.34 5.71
CA ALA A 99 15.23 -12.99 4.45
C ALA A 99 16.54 -13.76 4.26
N ARG A 100 17.37 -13.79 5.31
CA ARG A 100 18.64 -14.51 5.24
C ARG A 100 18.44 -16.00 4.96
N GLU A 101 17.40 -16.58 5.55
CA GLU A 101 17.08 -17.97 5.26
C GLU A 101 16.73 -18.21 3.79
N ASN A 102 15.88 -17.36 3.23
CA ASN A 102 15.51 -17.45 1.81
C ASN A 102 16.74 -17.31 0.90
N ILE A 103 17.65 -16.44 1.31
CA ILE A 103 18.89 -16.22 0.56
C ILE A 103 19.78 -17.47 0.61
N ARG A 104 19.85 -18.06 1.78
CA ARG A 104 20.58 -19.30 1.99
C ARG A 104 19.96 -20.41 1.14
N ALA A 105 18.63 -20.52 1.18
CA ALA A 105 17.90 -21.53 0.40
C ALA A 105 18.18 -21.45 -1.10
N ASN A 106 18.52 -20.27 -1.60
CA ASN A 106 18.80 -20.12 -3.02
C ASN A 106 20.28 -19.91 -3.32
N ASN A 107 21.10 -20.24 -2.34
CA ASN A 107 22.56 -20.20 -2.47
C ASN A 107 23.08 -18.85 -2.98
N MET A 108 22.61 -17.77 -2.35
CA MET A 108 22.98 -16.42 -2.77
C MET A 108 23.66 -15.63 -1.65
N GLU A 109 24.18 -16.32 -0.62
CA GLU A 109 24.83 -15.63 0.49
C GLU A 109 26.03 -14.77 0.08
N HIS A 110 26.68 -15.15 -1.01
CA HIS A 110 27.84 -14.43 -1.52
C HIS A 110 27.43 -13.16 -2.26
N GLN A 111 26.13 -13.03 -2.51
CA GLN A 111 25.64 -11.95 -3.35
C GLN A 111 24.72 -10.99 -2.57
N VAL A 112 23.92 -11.55 -1.66
CA VAL A 112 22.95 -10.74 -0.94
C VAL A 112 23.22 -10.69 0.57
N LYS A 113 23.34 -9.47 1.09
CA LYS A 113 23.52 -9.25 2.53
C LYS A 113 22.29 -8.54 3.07
N VAL A 114 21.81 -8.97 4.23
CA VAL A 114 20.67 -8.32 4.87
C VAL A 114 21.13 -7.57 6.11
N LEU A 115 20.76 -6.29 6.20
CA LEU A 115 21.06 -5.50 7.40
C LEU A 115 19.78 -5.29 8.20
N HIS A 116 19.82 -5.60 9.50
CA HIS A 116 18.68 -5.33 10.38
C HIS A 116 18.77 -3.91 10.92
N MET A 117 18.04 -3.00 10.29
CA MET A 117 17.96 -1.60 10.71
C MET A 117 16.90 -0.89 9.88
N MET A 118 16.50 0.30 10.30
CA MET A 118 15.59 1.10 9.49
C MET A 118 16.42 1.78 8.44
N SER A 119 15.82 2.08 7.28
CA SER A 119 16.56 2.75 6.21
C SER A 119 17.08 4.12 6.66
N THR A 120 16.41 4.71 7.64
CA THR A 120 16.81 6.02 8.15
C THR A 120 18.11 5.95 8.95
N GLU A 121 18.50 4.75 9.35
CA GLU A 121 19.72 4.54 10.14
C GLU A 121 20.88 4.12 9.23
N LEU A 122 20.56 3.83 7.97
CA LEU A 122 21.54 3.34 7.02
C LEU A 122 22.53 4.43 6.62
N LYS A 123 23.82 4.08 6.62
CA LYS A 123 24.87 5.03 6.27
C LYS A 123 25.74 4.53 5.12
N SER A 124 26.51 5.44 4.53
CA SER A 124 27.37 5.09 3.40
C SER A 124 28.29 3.91 3.73
N LYS A 125 28.82 3.87 4.95
CA LYS A 125 29.75 2.80 5.35
C LYS A 125 29.11 1.40 5.37
N HIS A 126 27.79 1.34 5.43
CA HIS A 126 27.11 0.05 5.48
C HIS A 126 27.04 -0.63 4.10
N LEU A 127 27.45 0.10 3.06
CA LEU A 127 27.35 -0.40 1.70
C LEU A 127 28.75 -0.41 1.09
N PRO A 128 28.98 -1.26 0.08
CA PRO A 128 30.32 -1.29 -0.54
C PRO A 128 30.62 0.03 -1.25
N GLU A 129 29.58 0.61 -1.86
CA GLU A 129 29.69 1.85 -2.62
C GLU A 129 28.26 2.35 -2.81
N PRO A 130 28.09 3.61 -3.25
CA PRO A 130 26.71 4.03 -3.55
C PRO A 130 26.07 3.11 -4.58
N PRO A 131 24.81 2.71 -4.37
CA PRO A 131 24.21 1.74 -5.29
C PRO A 131 23.90 2.34 -6.67
N ASP A 132 23.89 1.48 -7.68
CA ASP A 132 23.43 1.84 -9.01
C ASP A 132 21.91 1.79 -9.11
N VAL A 133 21.31 0.96 -8.26
CA VAL A 133 19.85 0.82 -8.24
C VAL A 133 19.34 0.94 -6.80
N LEU A 134 18.33 1.79 -6.59
CA LEU A 134 17.54 1.77 -5.36
C LEU A 134 16.20 1.09 -5.63
N LEU A 135 15.95 0.01 -4.90
CA LEU A 135 14.78 -0.83 -5.12
C LEU A 135 13.90 -0.82 -3.88
N SER A 136 12.59 -0.63 -4.06
CA SER A 136 11.68 -0.77 -2.92
C SER A 136 10.28 -1.14 -3.34
N GLU A 137 9.61 -1.87 -2.44
CA GLU A 137 8.18 -2.05 -2.49
C GLU A 137 7.67 -1.81 -1.07
N ILE A 138 7.38 -0.55 -0.77
CA ILE A 138 6.81 -0.18 0.53
C ILE A 138 5.52 0.63 0.37
N PHE A 139 4.67 0.16 -0.52
CA PHE A 139 3.36 0.76 -0.75
C PHE A 139 2.32 0.21 0.20
N GLY A 140 1.31 1.02 0.50
CA GLY A 140 0.20 0.56 1.33
C GLY A 140 -1.05 0.45 0.48
N THR A 141 -2.18 0.18 1.14
CA THR A 141 -3.48 0.25 0.50
C THR A 141 -3.67 1.67 -0.03
N MET A 142 -3.35 2.65 0.81
CA MET A 142 -3.04 4.00 0.32
C MET A 142 -1.57 4.00 -0.14
N MET A 143 -1.35 4.58 -1.32
CA MET A 143 -0.04 4.49 -1.96
C MET A 143 1.07 4.88 -0.99
N LEU A 144 0.91 6.05 -0.36
CA LEU A 144 1.89 6.54 0.59
C LEU A 144 1.61 6.05 2.01
N GLY A 145 0.72 5.06 2.12
CA GLY A 145 0.28 4.55 3.41
C GLY A 145 1.38 4.11 4.35
N GLU A 146 2.48 3.61 3.81
CA GLU A 146 3.61 3.16 4.62
C GLU A 146 4.79 4.13 4.48
N SER A 147 4.46 5.39 4.21
CA SER A 147 5.44 6.48 4.05
C SER A 147 6.53 6.26 3.00
N ALA A 148 6.17 5.65 1.87
CA ALA A 148 7.15 5.35 0.82
C ALA A 148 7.96 6.57 0.36
N LEU A 149 7.29 7.72 0.17
CA LEU A 149 8.00 8.91 -0.31
C LEU A 149 9.04 9.38 0.70
N ASP A 150 8.64 9.47 1.97
CA ASP A 150 9.57 9.88 3.03
C ASP A 150 10.81 8.99 3.11
N TYR A 151 10.61 7.67 3.08
CA TYR A 151 11.74 6.75 3.19
C TYR A 151 12.65 6.79 1.96
N VAL A 152 12.07 6.91 0.76
CA VAL A 152 12.88 7.01 -0.44
C VAL A 152 13.66 8.35 -0.46
N VAL A 153 12.98 9.44 -0.12
CA VAL A 153 13.61 10.77 -0.08
C VAL A 153 14.81 10.79 0.87
N ASP A 154 14.63 10.22 2.06
CA ASP A 154 15.72 10.16 3.04
C ASP A 154 16.97 9.48 2.47
N VAL A 155 16.78 8.33 1.82
CA VAL A 155 17.90 7.62 1.21
C VAL A 155 18.42 8.41 -0.01
N ARG A 156 17.50 8.93 -0.81
CA ARG A 156 17.85 9.68 -2.01
C ARG A 156 18.73 10.89 -1.70
N ASN A 157 18.47 11.53 -0.56
CA ASN A 157 19.22 12.69 -0.11
C ASN A 157 20.65 12.37 0.32
N ARG A 158 20.91 11.12 0.70
CA ARG A 158 22.13 10.78 1.42
C ARG A 158 23.06 9.74 0.80
N LEU A 159 22.51 8.69 0.20
CA LEU A 159 23.33 7.49 -0.05
C LEU A 159 23.55 7.14 -1.52
N LEU A 160 22.93 7.90 -2.42
CA LEU A 160 22.92 7.52 -3.82
C LEU A 160 23.98 8.28 -4.60
N LYS A 161 24.01 8.06 -5.91
CA LYS A 161 24.85 8.83 -6.81
C LYS A 161 23.99 9.32 -7.98
N PRO A 162 24.47 10.35 -8.71
CA PRO A 162 23.71 10.94 -9.81
C PRO A 162 23.12 9.93 -10.81
N THR A 163 23.80 8.82 -11.07
CA THR A 163 23.32 7.86 -12.06
C THR A 163 22.39 6.78 -11.47
N THR A 164 22.15 6.83 -10.16
CA THR A 164 21.32 5.80 -9.52
C THR A 164 19.93 5.75 -10.13
N LYS A 165 19.50 4.55 -10.52
CA LYS A 165 18.13 4.37 -10.96
C LYS A 165 17.25 3.97 -9.76
N ILE A 166 16.19 4.73 -9.54
CA ILE A 166 15.24 4.44 -8.45
C ILE A 166 14.02 3.67 -8.98
N ILE A 167 13.84 2.45 -8.48
CA ILE A 167 12.73 1.58 -8.89
C ILE A 167 11.76 1.39 -7.72
N PRO A 168 10.47 1.71 -7.96
CA PRO A 168 9.87 2.22 -9.19
C PRO A 168 9.85 3.74 -9.23
N GLN A 169 9.77 4.32 -10.42
CA GLN A 169 9.90 5.78 -10.56
C GLN A 169 8.64 6.59 -10.21
N PHE A 170 7.49 6.14 -10.71
CA PHE A 170 6.27 6.96 -10.64
C PHE A 170 5.16 6.32 -9.82
N GLY A 171 4.39 7.16 -9.15
CA GLY A 171 3.22 6.71 -8.41
C GLY A 171 2.14 7.78 -8.48
N THR A 172 0.91 7.34 -8.72
CA THR A 172 -0.23 8.25 -8.80
C THR A 172 -1.34 7.72 -7.90
N GLN A 173 -1.87 8.57 -7.03
CA GLN A 173 -2.97 8.19 -6.15
C GLN A 173 -4.29 8.72 -6.71
N TYR A 174 -5.29 7.83 -6.81
CA TYR A 174 -6.59 8.20 -7.38
C TYR A 174 -7.72 8.13 -6.35
N ALA A 175 -8.79 8.86 -6.63
CA ALA A 175 -10.05 8.70 -5.89
C ALA A 175 -11.18 8.69 -6.90
N VAL A 176 -12.27 8.00 -6.59
CA VAL A 176 -13.46 8.03 -7.44
C VAL A 176 -14.71 7.85 -6.58
N PRO A 177 -15.70 8.72 -6.77
CA PRO A 177 -16.93 8.60 -5.98
C PRO A 177 -17.75 7.41 -6.48
N ILE A 178 -18.26 6.60 -5.55
CA ILE A 178 -18.97 5.41 -5.93
C ILE A 178 -20.29 5.25 -5.22
N GLU A 179 -21.25 4.66 -5.95
CA GLU A 179 -22.46 4.13 -5.34
C GLU A 179 -22.24 2.65 -5.09
N CYS A 180 -22.53 2.19 -3.88
CA CYS A 180 -22.32 0.78 -3.56
C CYS A 180 -23.29 0.34 -2.48
N ASP A 181 -24.36 -0.33 -2.90
CA ASP A 181 -25.42 -0.66 -1.97
C ASP A 181 -24.97 -1.61 -0.86
N ALA A 182 -24.09 -2.56 -1.18
CA ALA A 182 -23.60 -3.49 -0.18
C ALA A 182 -22.84 -2.74 0.92
N LEU A 183 -21.96 -1.83 0.52
CA LEU A 183 -21.23 -0.98 1.47
C LEU A 183 -22.21 -0.15 2.30
N HIS A 184 -23.22 0.41 1.64
CA HIS A 184 -24.22 1.24 2.31
C HIS A 184 -24.94 0.46 3.41
N ARG A 185 -25.22 -0.81 3.14
CA ARG A 185 -25.94 -1.66 4.11
C ARG A 185 -25.08 -2.14 5.30
N ILE A 186 -23.78 -1.85 5.30
CA ILE A 186 -22.97 -2.16 6.47
C ILE A 186 -22.35 -0.87 7.06
N SER A 187 -22.85 0.28 6.61
CA SER A 187 -22.31 1.56 7.10
C SER A 187 -23.40 2.61 7.34
N SER A 188 -24.65 2.15 7.39
CA SER A 188 -25.77 3.05 7.64
C SER A 188 -26.98 2.24 8.10
N VAL A 189 -28.00 2.93 8.61
CA VAL A 189 -29.22 2.27 9.01
C VAL A 189 -30.31 3.33 9.09
N SER A 190 -31.56 2.95 8.89
CA SER A 190 -32.64 3.92 9.08
C SER A 190 -33.65 3.44 10.13
N GLY A 191 -34.00 2.17 10.06
CA GLY A 191 -34.97 1.65 11.00
C GLY A 191 -35.26 0.19 10.74
N TRP A 192 -36.06 -0.39 11.64
CA TRP A 192 -36.56 -1.74 11.44
C TRP A 192 -38.06 -1.68 11.71
N ARG A 193 -38.84 -1.95 10.67
CA ARG A 193 -40.29 -1.74 10.70
C ARG A 193 -40.63 -0.37 11.28
N ASP A 194 -41.39 -0.32 12.36
CA ASP A 194 -41.75 0.99 12.93
C ASP A 194 -40.76 1.48 13.99
N LEU A 195 -39.67 0.74 14.19
CA LEU A 195 -38.63 1.16 15.10
C LEU A 195 -37.61 2.06 14.40
N ASP A 196 -37.47 3.28 14.91
CA ASP A 196 -36.58 4.27 14.34
C ASP A 196 -35.15 4.07 14.86
N LEU A 197 -34.20 3.98 13.94
CA LEU A 197 -32.80 3.77 14.29
C LEU A 197 -31.92 4.90 13.72
N LYS A 198 -32.55 5.96 13.22
CA LYS A 198 -31.82 7.06 12.59
C LYS A 198 -30.80 7.72 13.51
N HIS A 199 -31.00 7.64 14.82
CA HIS A 199 -30.05 8.24 15.76
C HIS A 199 -28.67 7.59 15.65
N MET A 200 -28.63 6.34 15.23
CA MET A 200 -27.38 5.62 15.01
C MET A 200 -26.51 6.32 13.97
N MET A 201 -27.15 7.09 13.09
CA MET A 201 -26.43 7.77 12.02
C MET A 201 -25.59 8.92 12.54
N THR A 202 -25.85 9.40 13.75
CA THR A 202 -25.04 10.48 14.31
C THR A 202 -23.58 10.05 14.37
N LEU A 203 -23.36 8.74 14.50
CA LEU A 203 -22.03 8.18 14.71
C LEU A 203 -21.33 7.75 13.42
N GLN A 204 -21.95 7.97 12.28
CA GLN A 204 -21.38 7.47 11.03
C GLN A 204 -20.03 8.11 10.75
N ASP A 205 -19.01 7.27 10.54
CA ASP A 205 -17.65 7.77 10.38
C ASP A 205 -17.36 8.17 8.93
N THR A 206 -17.54 9.46 8.66
CA THR A 206 -17.31 9.99 7.33
C THR A 206 -16.00 10.75 7.31
N VAL A 207 -15.09 10.36 8.20
CA VAL A 207 -13.78 11.01 8.30
C VAL A 207 -12.68 10.03 7.91
N SER A 208 -12.68 8.87 8.58
CA SER A 208 -11.61 7.90 8.38
C SER A 208 -11.53 7.33 6.97
N ILE A 209 -10.31 7.07 6.53
CA ILE A 209 -10.06 6.21 5.38
C ILE A 209 -9.98 4.80 5.91
N VAL A 210 -10.80 3.91 5.36
CA VAL A 210 -10.85 2.54 5.85
C VAL A 210 -10.52 1.61 4.70
N PHE A 211 -9.72 0.57 4.95
CA PHE A 211 -9.39 -0.38 3.90
C PHE A 211 -10.56 -1.32 3.71
N ALA A 212 -10.85 -1.68 2.47
CA ALA A 212 -11.92 -2.61 2.17
C ALA A 212 -11.82 -3.92 2.97
N LYS A 213 -10.61 -4.45 3.10
CA LYS A 213 -10.37 -5.60 3.98
C LYS A 213 -11.02 -5.45 5.36
N HIS A 214 -10.86 -4.28 5.99
CA HIS A 214 -11.46 -4.01 7.30
C HIS A 214 -13.00 -4.04 7.35
N TYR A 215 -13.66 -3.79 6.23
CA TYR A 215 -15.10 -4.03 6.17
C TYR A 215 -15.41 -5.52 5.93
N GLY A 216 -14.40 -6.29 5.53
CA GLY A 216 -14.61 -7.65 5.04
C GLY A 216 -14.96 -7.70 3.56
N ILE A 217 -14.84 -6.54 2.91
CA ILE A 217 -15.39 -6.40 1.58
C ILE A 217 -14.29 -6.47 0.50
N ARG A 218 -14.59 -7.10 -0.63
CA ARG A 218 -13.72 -7.01 -1.79
C ARG A 218 -14.50 -6.29 -2.88
N MET A 219 -14.02 -5.12 -3.32
CA MET A 219 -14.77 -4.34 -4.28
C MET A 219 -15.11 -5.11 -5.57
N ASN A 220 -14.18 -5.93 -6.04
CA ASN A 220 -14.43 -6.76 -7.22
C ASN A 220 -15.53 -7.82 -7.06
N SER A 221 -16.01 -8.00 -5.83
CA SER A 221 -17.06 -8.99 -5.56
C SER A 221 -18.37 -8.36 -5.08
N VAL A 222 -18.48 -7.04 -5.15
CA VAL A 222 -19.77 -6.41 -4.91
C VAL A 222 -20.11 -5.48 -6.09
N ASN A 223 -21.40 -5.22 -6.27
CA ASN A 223 -21.83 -4.26 -7.28
C ASN A 223 -21.56 -2.82 -6.84
N PHE A 224 -20.76 -2.08 -7.61
CA PHE A 224 -20.58 -0.65 -7.35
C PHE A 224 -20.51 0.13 -8.67
N ARG A 225 -20.86 1.41 -8.62
CA ARG A 225 -20.83 2.25 -9.81
C ARG A 225 -19.93 3.47 -9.59
N ARG A 226 -18.98 3.67 -10.49
CA ARG A 226 -18.18 4.88 -10.47
C ARG A 226 -19.02 6.01 -11.04
N LEU A 227 -19.12 7.12 -10.33
CA LEU A 227 -20.06 8.17 -10.71
C LEU A 227 -19.39 9.31 -11.48
N SER A 228 -18.08 9.22 -11.65
CA SER A 228 -17.35 10.24 -12.39
C SER A 228 -16.06 9.62 -12.93
N ASP A 229 -15.35 10.36 -13.78
CA ASP A 229 -14.00 9.97 -14.16
C ASP A 229 -13.10 9.98 -12.93
N PRO A 230 -12.00 9.21 -12.96
CA PRO A 230 -11.11 9.19 -11.80
C PRO A 230 -10.61 10.60 -11.45
N ILE A 231 -10.42 10.84 -10.16
CA ILE A 231 -9.77 12.05 -9.70
C ILE A 231 -8.32 11.76 -9.40
N GLU A 232 -7.39 12.42 -10.10
CA GLU A 232 -5.98 12.27 -9.73
C GLU A 232 -5.69 13.15 -8.51
N LEU A 233 -5.55 12.52 -7.34
CA LEU A 233 -5.28 13.29 -6.11
C LEU A 233 -3.90 13.94 -6.11
N PHE A 234 -2.89 13.17 -6.51
CA PHE A 234 -1.52 13.67 -6.66
C PHE A 234 -0.70 12.62 -7.38
N ARG A 235 0.42 13.03 -7.95
CA ARG A 235 1.37 12.10 -8.55
C ARG A 235 2.76 12.43 -8.03
N VAL A 236 3.62 11.42 -7.90
CA VAL A 236 5.00 11.68 -7.50
C VAL A 236 5.98 10.96 -8.40
N ASP A 237 7.17 11.54 -8.49
CA ASP A 237 8.30 10.92 -9.14
C ASP A 237 9.24 10.67 -7.97
N PHE A 238 9.49 9.40 -7.68
CA PHE A 238 10.27 9.07 -6.48
C PHE A 238 11.74 9.47 -6.61
N SER A 239 12.15 9.80 -7.84
CA SER A 239 13.52 10.25 -8.09
C SER A 239 13.68 11.75 -7.89
N SER A 240 12.58 12.47 -7.70
CA SER A 240 12.67 13.94 -7.62
C SER A 240 11.66 14.62 -6.69
N SER A 241 10.49 14.03 -6.49
CA SER A 241 9.47 14.67 -5.64
C SER A 241 9.84 14.80 -4.15
N ASN A 242 9.24 15.79 -3.50
CA ASN A 242 9.28 15.93 -2.05
C ASN A 242 7.87 16.18 -1.54
N ARG A 243 7.71 16.21 -0.21
CA ARG A 243 6.40 16.43 0.37
C ARG A 243 5.71 17.66 -0.18
N ASN A 244 6.45 18.74 -0.38
CA ASN A 244 5.83 20.00 -0.76
C ASN A 244 5.40 20.05 -2.22
N ASP A 245 5.60 18.94 -2.94
CA ASP A 245 5.01 18.79 -4.27
C ASP A 245 3.55 18.38 -4.15
N ILE A 246 3.13 17.98 -2.96
CA ILE A 246 1.72 17.72 -2.68
C ILE A 246 1.18 18.81 -1.76
N PRO A 247 0.20 19.59 -2.24
CA PRO A 247 -0.34 20.66 -1.40
C PRO A 247 -1.00 20.09 -0.15
N ARG A 248 -1.04 20.87 0.92
CA ARG A 248 -1.72 20.43 2.13
C ARG A 248 -3.23 20.47 1.94
N ARG A 249 -3.68 21.28 0.98
CA ARG A 249 -5.10 21.33 0.61
C ARG A 249 -5.25 21.52 -0.89
N LYS A 250 -6.09 20.69 -1.51
CA LYS A 250 -6.38 20.82 -2.94
C LYS A 250 -7.89 20.83 -3.11
N HIS A 251 -8.33 21.40 -4.24
CA HIS A 251 -9.74 21.38 -4.59
C HIS A 251 -9.93 20.71 -5.93
N PHE A 252 -11.01 19.95 -6.06
CA PHE A 252 -11.28 19.21 -7.28
C PHE A 252 -12.69 19.48 -7.75
N ASP A 253 -12.83 19.67 -9.06
CA ASP A 253 -14.13 19.79 -9.67
C ASP A 253 -14.45 18.47 -10.31
N VAL A 254 -15.45 17.80 -9.75
CA VAL A 254 -15.79 16.47 -10.17
C VAL A 254 -17.07 16.56 -10.96
N VAL A 255 -17.02 16.17 -12.23
CA VAL A 255 -18.21 16.18 -13.08
C VAL A 255 -18.91 14.83 -13.03
N ALA A 256 -20.18 14.84 -12.63
CA ALA A 256 -20.91 13.59 -12.54
C ALA A 256 -21.22 13.01 -13.92
N LYS A 257 -20.75 11.78 -14.16
CA LYS A 257 -21.08 11.10 -15.40
C LYS A 257 -22.30 10.22 -15.23
N GLU A 258 -22.67 9.97 -13.98
CA GLU A 258 -23.85 9.16 -13.67
C GLU A 258 -24.64 9.84 -12.56
N SER A 259 -25.94 9.53 -12.49
CA SER A 259 -26.76 9.90 -11.35
C SER A 259 -26.78 8.74 -10.36
N GLY A 260 -26.60 9.04 -9.08
CA GLY A 260 -26.65 8.05 -8.03
C GLY A 260 -26.19 8.66 -6.72
N THR A 261 -26.10 7.84 -5.69
CA THR A 261 -25.61 8.32 -4.40
C THR A 261 -24.14 7.99 -4.27
N ALA A 262 -23.32 9.03 -4.06
CA ALA A 262 -21.92 8.81 -3.79
C ALA A 262 -21.78 8.41 -2.32
N HIS A 263 -21.97 7.12 -2.03
CA HIS A 263 -21.83 6.63 -0.66
C HIS A 263 -20.42 6.88 -0.13
N ALA A 264 -19.44 6.75 -1.01
CA ALA A 264 -18.06 6.80 -0.58
C ALA A 264 -17.14 7.25 -1.68
N MET A 265 -15.95 7.66 -1.29
CA MET A 265 -14.86 7.85 -2.23
C MET A 265 -14.05 6.56 -2.19
N LEU A 266 -13.80 5.98 -3.36
CA LEU A 266 -12.96 4.78 -3.46
C LEU A 266 -11.57 5.22 -3.85
N PHE A 267 -10.56 4.72 -3.13
CA PHE A 267 -9.19 5.10 -3.44
C PHE A 267 -8.39 3.92 -3.98
N TYR A 268 -7.64 4.16 -5.05
CA TYR A 268 -6.75 3.16 -5.61
C TYR A 268 -5.57 3.91 -6.20
N TRP A 269 -4.54 3.19 -6.62
CA TRP A 269 -3.34 3.85 -7.13
C TRP A 269 -2.71 3.10 -8.29
N LYS A 270 -1.75 3.76 -8.93
CA LYS A 270 -1.01 3.15 -10.04
C LYS A 270 0.43 3.59 -9.96
N VAL A 271 1.32 2.59 -9.97
CA VAL A 271 2.74 2.83 -9.90
C VAL A 271 3.32 2.40 -11.24
N THR A 272 4.21 3.19 -11.82
CA THR A 272 4.78 2.83 -13.13
C THR A 272 6.27 3.06 -13.21
N ASP A 273 6.90 2.36 -14.15
CA ASP A 273 8.29 2.61 -14.49
C ASP A 273 8.45 2.19 -15.94
N ASP A 274 8.75 3.17 -16.79
CA ASP A 274 8.69 2.99 -18.23
C ASP A 274 7.34 2.39 -18.65
N GLU A 275 7.34 1.28 -19.38
CA GLU A 275 6.10 0.72 -19.89
C GLU A 275 5.34 -0.14 -18.88
N PHE A 276 5.96 -0.43 -17.75
CA PHE A 276 5.37 -1.38 -16.81
C PHE A 276 4.52 -0.69 -15.74
N VAL A 277 3.46 -1.37 -15.30
CA VAL A 277 2.42 -0.76 -14.47
C VAL A 277 2.01 -1.73 -13.37
N MET A 278 1.83 -1.22 -12.16
CA MET A 278 1.35 -2.00 -11.03
C MET A 278 0.16 -1.21 -10.45
N SER A 279 -1.05 -1.72 -10.63
CA SER A 279 -2.26 -0.95 -10.33
C SER A 279 -3.17 -1.63 -9.31
N THR A 280 -3.82 -0.84 -8.44
CA THR A 280 -4.80 -1.39 -7.51
C THR A 280 -6.24 -1.00 -7.89
N ASP A 281 -6.39 -0.40 -9.07
CA ASP A 281 -7.72 -0.19 -9.64
C ASP A 281 -8.37 -1.56 -9.71
N PRO A 282 -9.59 -1.70 -9.15
CA PRO A 282 -10.29 -2.99 -9.19
C PRO A 282 -10.43 -3.54 -10.62
N GLU A 283 -10.49 -2.66 -11.62
CA GLU A 283 -10.60 -3.10 -13.00
C GLU A 283 -9.38 -3.91 -13.41
N ASP A 284 -8.25 -3.62 -12.76
CA ASP A 284 -6.98 -4.29 -13.02
C ASP A 284 -6.72 -5.46 -12.08
N THR A 285 -7.63 -5.71 -11.14
CA THR A 285 -7.38 -6.76 -10.15
C THR A 285 -8.45 -7.83 -10.12
N VAL A 286 -9.33 -7.83 -11.12
CA VAL A 286 -10.42 -8.80 -11.17
C VAL A 286 -9.91 -10.24 -11.09
N ASN A 287 -8.77 -10.49 -11.75
CA ASN A 287 -8.14 -11.81 -11.73
C ASN A 287 -6.84 -11.80 -10.93
N ASN A 288 -6.79 -10.92 -9.94
CA ASN A 288 -5.64 -10.88 -9.04
C ASN A 288 -6.13 -10.85 -7.59
N PHE A 289 -6.67 -11.97 -7.16
CA PHE A 289 -7.14 -12.12 -5.78
C PHE A 289 -6.04 -11.81 -4.72
N PRO A 290 -4.80 -12.31 -4.90
CA PRO A 290 -3.78 -11.96 -3.89
C PRO A 290 -3.51 -10.45 -3.77
N ARG A 291 -3.47 -9.72 -4.88
CA ARG A 291 -3.34 -8.26 -4.78
C ARG A 291 -4.51 -7.63 -4.02
N ASP A 292 -5.74 -8.06 -4.30
CA ASP A 292 -6.89 -7.49 -3.61
C ASP A 292 -6.90 -7.79 -2.12
N MET A 293 -6.26 -8.90 -1.73
CA MET A 293 -6.19 -9.27 -0.32
C MET A 293 -5.05 -8.53 0.38
N GLN A 294 -3.95 -8.31 -0.33
CA GLN A 294 -2.81 -7.67 0.31
C GLN A 294 -2.90 -6.14 0.27
N TRP A 295 -3.26 -5.57 -0.88
CA TRP A 295 -3.51 -4.13 -0.96
C TRP A 295 -5.00 -3.77 -0.96
N GLY A 296 -5.75 -4.37 -1.88
CA GLY A 296 -7.14 -4.02 -2.04
C GLY A 296 -7.29 -2.55 -2.40
N GLN A 297 -8.34 -1.93 -1.88
CA GLN A 297 -8.64 -0.53 -2.11
C GLN A 297 -9.08 0.07 -0.79
N ALA A 298 -9.13 1.41 -0.74
CA ALA A 298 -9.57 2.10 0.47
C ALA A 298 -10.87 2.86 0.19
N LEU A 299 -11.59 3.18 1.26
CA LEU A 299 -12.90 3.83 1.18
C LEU A 299 -13.01 4.91 2.24
N GLN A 300 -13.65 6.02 1.90
CA GLN A 300 -14.07 7.00 2.90
C GLN A 300 -15.52 7.33 2.62
N LEU A 301 -16.37 7.12 3.61
CA LEU A 301 -17.78 7.49 3.52
C LEU A 301 -17.88 9.01 3.37
N LEU A 302 -18.88 9.47 2.62
CA LEU A 302 -19.06 10.91 2.37
C LEU A 302 -20.29 11.48 3.05
N ASP A 303 -20.08 12.59 3.75
CA ASP A 303 -21.16 13.36 4.33
C ASP A 303 -21.20 14.62 3.48
N ALA A 304 -22.38 14.96 2.96
CA ALA A 304 -22.52 16.14 2.10
C ALA A 304 -22.42 17.44 2.87
N SER A 305 -22.72 17.40 4.17
CA SER A 305 -22.68 18.63 4.95
C SER A 305 -22.08 18.39 6.33
N ASN A 306 -22.44 19.25 7.28
CA ASN A 306 -21.95 19.12 8.65
C ASN A 306 -23.07 19.27 9.66
N GLY A 307 -24.25 18.75 9.32
CA GLY A 307 -25.38 18.82 10.23
C GLY A 307 -25.29 17.77 11.33
N PRO A 308 -26.31 17.73 12.21
CA PRO A 308 -26.38 16.78 13.32
C PRO A 308 -26.51 15.33 12.84
N LEU A 309 -27.00 15.14 11.61
CA LEU A 309 -26.95 13.84 10.96
C LEU A 309 -26.17 13.95 9.67
N PRO A 310 -25.54 12.85 9.21
CA PRO A 310 -24.90 12.94 7.91
C PRO A 310 -25.92 13.16 6.80
N THR A 311 -25.48 13.75 5.70
CA THR A 311 -26.31 14.05 4.55
C THR A 311 -25.72 13.33 3.37
N PRO A 312 -26.54 12.56 2.63
CA PRO A 312 -26.00 11.82 1.47
C PRO A 312 -25.49 12.77 0.38
N VAL A 313 -24.34 12.43 -0.21
CA VAL A 313 -23.87 13.13 -1.39
C VAL A 313 -24.61 12.53 -2.61
N VAL A 314 -25.47 13.33 -3.22
CA VAL A 314 -26.26 12.85 -4.34
C VAL A 314 -25.78 13.51 -5.63
N PHE A 315 -25.39 12.70 -6.61
CA PHE A 315 -24.92 13.18 -7.91
C PHE A 315 -26.06 13.15 -8.90
N THR A 316 -26.18 14.22 -9.68
CA THR A 316 -27.00 14.20 -10.88
C THR A 316 -26.09 14.33 -12.08
N GLU A 317 -26.25 13.39 -13.02
CA GLU A 317 -25.47 13.40 -14.27
C GLU A 317 -25.36 14.82 -14.84
N GLY A 318 -24.16 15.22 -15.22
CA GLY A 318 -23.98 16.49 -15.89
C GLY A 318 -23.74 17.66 -14.96
N LYS A 319 -23.80 17.44 -13.64
CA LYS A 319 -23.54 18.54 -12.71
C LYS A 319 -22.12 18.52 -12.16
N ASN A 320 -21.64 19.68 -11.71
CA ASN A 320 -20.32 19.84 -11.11
C ASN A 320 -20.37 19.72 -9.60
N TYR A 321 -19.44 18.93 -9.05
CA TYR A 321 -19.33 18.74 -7.60
C TYR A 321 -17.92 19.12 -7.13
N ASN A 322 -17.83 20.09 -6.23
CA ASN A 322 -16.50 20.53 -5.77
C ASN A 322 -16.09 19.83 -4.49
N PHE A 323 -14.90 19.24 -4.48
CA PHE A 323 -14.37 18.56 -3.30
C PHE A 323 -13.08 19.22 -2.79
N GLU A 324 -12.97 19.30 -1.48
CA GLU A 324 -11.75 19.82 -0.86
C GLU A 324 -11.02 18.64 -0.22
N CYS A 325 -9.77 18.46 -0.62
CA CYS A 325 -8.96 17.37 -0.15
C CYS A 325 -7.90 17.91 0.80
N ASN A 326 -7.94 17.45 2.05
CA ASN A 326 -6.96 17.91 3.04
C ASN A 326 -6.02 16.79 3.42
N PHE A 327 -4.74 17.14 3.56
CA PHE A 327 -3.68 16.17 3.84
C PHE A 327 -3.06 16.43 5.21
N SER A 328 -2.60 15.34 5.85
CA SER A 328 -1.73 15.46 7.01
C SER A 328 -0.37 15.98 6.54
N GLY A 329 0.48 16.38 7.47
CA GLY A 329 1.79 16.92 7.12
C GLY A 329 2.71 15.94 6.41
N ASP A 330 2.59 14.66 6.74
CA ASP A 330 3.40 13.65 6.05
C ASP A 330 2.77 13.22 4.74
N ARG A 331 1.60 13.76 4.46
CA ARG A 331 0.82 13.47 3.23
C ARG A 331 0.30 12.04 3.19
N VAL A 332 0.43 11.31 4.30
CA VAL A 332 -0.07 9.93 4.40
C VAL A 332 -1.60 9.87 4.58
N ILE A 333 -2.15 10.79 5.35
CA ILE A 333 -3.58 10.79 5.58
C ILE A 333 -4.25 11.91 4.77
N LEU A 334 -5.39 11.57 4.16
CA LEU A 334 -6.16 12.57 3.44
C LEU A 334 -7.66 12.41 3.72
N HIS A 335 -8.41 13.45 3.37
CA HIS A 335 -9.86 13.45 3.53
C HIS A 335 -10.49 14.27 2.41
N MET A 336 -11.59 13.74 1.85
CA MET A 336 -12.35 14.42 0.80
C MET A 336 -13.69 14.90 1.35
N GLN A 337 -13.96 16.19 1.16
CA GLN A 337 -15.20 16.80 1.64
C GLN A 337 -15.89 17.58 0.53
N LEU A 338 -17.16 17.26 0.30
CA LEU A 338 -17.98 18.04 -0.64
C LEU A 338 -18.14 19.46 -0.13
N CYS A 339 -17.88 20.44 -0.99
CA CYS A 339 -18.05 21.86 -0.68
C CYS A 339 -19.20 22.45 -1.48
#